data_9AV7
#
_entry.id   9AV7
#
_cell.length_a   87.554
_cell.length_b   108.124
_cell.length_c   41.554
_cell.angle_alpha   90.00
_cell.angle_beta   90.00
_cell.angle_gamma   90.00
#
_symmetry.space_group_name_H-M   'P 21 21 2'
#
loop_
_entity.id
_entity.type
_entity.pdbx_description
1 polymer 'non-specific serine/threonine protein kinase'
2 non-polymer 'PHOSPHOAMINOPHOSPHONIC ACID-ADENYLATE ESTER'
3 water water
#
_entity_poly.entity_id   1
_entity_poly.type   'polypeptide(L)'
_entity_poly.pdbx_seq_one_letter_code
;MAHHHHHHMKKTSAQKYQESEGDELNYPLGNIDDYSVNNRIGRGKYSNVFSGHIIDSGKPIVVKVLKPVRIMKINREIAI
LNVLRNGPNISQLLDVVKDPDSKYISLILNYAENNDVKTLFGKMTTRDIALYIYGVLRALAFAHKNGIMHRDVKPGNIMW
NQTTKEVSLIDWGLAEFYTPDSEYQVRVATKYYKGPELLLSYLKYTPSLDIWCLGCTLAGLLFHKLPFFKGRDSNEQIER
MCVYLGGQAMLDYAEKYDLKLSSSLKARLSELKGTMWAGLINESNRDICTPQALDLLTKMLTIDHNLRPTAEQAMKHPFF
DEIRDSVK
;
_entity_poly.pdbx_strand_id   A
#
# COMPACT_ATOMS: atom_id res chain seq x y z
N ASP A 23 3.01 27.46 -10.27
CA ASP A 23 3.98 28.55 -10.41
C ASP A 23 5.41 28.04 -10.16
N GLU A 24 5.71 27.71 -8.90
CA GLU A 24 7.06 27.33 -8.50
C GLU A 24 7.02 26.10 -7.60
N LEU A 25 8.21 25.56 -7.33
CA LEU A 25 8.38 24.43 -6.45
C LEU A 25 8.76 24.84 -5.04
N ASN A 26 8.14 24.18 -4.06
CA ASN A 26 8.33 24.55 -2.65
C ASN A 26 9.47 23.69 -2.09
N TYR A 27 10.67 23.94 -2.63
CA TYR A 27 11.84 23.15 -2.33
C TYR A 27 13.08 23.90 -2.82
N PRO A 28 14.18 23.93 -2.07
CA PRO A 28 15.41 24.57 -2.57
C PRO A 28 16.09 23.64 -3.55
N LEU A 29 15.91 23.91 -4.83
CA LEU A 29 16.27 22.93 -5.85
C LEU A 29 17.78 22.75 -5.90
N GLY A 30 18.19 21.52 -6.18
CA GLY A 30 19.58 21.17 -6.32
C GLY A 30 20.04 21.34 -7.76
N ASN A 31 21.17 20.71 -8.06
CA ASN A 31 21.80 20.79 -9.37
C ASN A 31 21.68 19.44 -10.06
N ILE A 32 21.12 19.44 -11.27
CA ILE A 32 20.97 18.20 -12.00
C ILE A 32 22.31 17.53 -12.24
N ASP A 33 23.39 18.32 -12.34
CA ASP A 33 24.72 17.79 -12.58
C ASP A 33 25.27 16.94 -11.45
N ASP A 34 24.62 16.97 -10.28
CA ASP A 34 25.09 16.22 -9.13
C ASP A 34 24.73 14.74 -9.17
N TYR A 35 23.95 14.30 -10.17
CA TYR A 35 23.39 12.96 -10.22
C TYR A 35 23.58 12.35 -11.60
N SER A 36 23.85 11.06 -11.62
CA SER A 36 23.96 10.26 -12.83
C SER A 36 22.81 9.26 -12.90
N VAL A 37 22.42 8.93 -14.12
CA VAL A 37 21.34 8.00 -14.39
C VAL A 37 21.93 6.71 -14.93
N ASN A 38 21.51 5.57 -14.39
CA ASN A 38 22.03 4.28 -14.82
C ASN A 38 21.08 3.50 -15.70
N ASN A 39 19.96 2.99 -15.17
CA ASN A 39 19.01 2.23 -15.98
C ASN A 39 17.57 2.61 -15.65
N ARG A 40 16.66 2.40 -16.60
CA ARG A 40 15.24 2.54 -16.28
C ARG A 40 14.82 1.34 -15.44
N ILE A 41 14.02 1.60 -14.40
CA ILE A 41 13.55 0.53 -13.54
C ILE A 41 12.04 0.65 -13.34
N GLY A 42 11.45 1.76 -13.80
CA GLY A 42 10.03 1.97 -13.60
C GLY A 42 9.45 2.94 -14.61
N ARG A 43 8.18 2.71 -14.96
CA ARG A 43 7.42 3.56 -15.90
C ARG A 43 6.03 3.67 -15.27
N GLY A 44 5.78 4.80 -14.59
CA GLY A 44 4.48 5.05 -14.00
C GLY A 44 3.59 5.92 -14.88
N LYS A 45 2.39 6.20 -14.38
CA LYS A 45 1.47 7.05 -15.14
C LYS A 45 1.90 8.51 -15.11
N TYR A 46 2.71 8.90 -14.13
CA TYR A 46 3.21 10.26 -14.03
C TYR A 46 4.73 10.39 -14.13
N SER A 47 5.45 9.29 -14.31
CA SER A 47 6.90 9.38 -14.19
C SER A 47 7.62 8.27 -14.96
N ASN A 48 8.89 8.51 -15.21
CA ASN A 48 9.85 7.49 -15.61
C ASN A 48 10.91 7.43 -14.53
N VAL A 49 11.26 6.22 -14.12
CA VAL A 49 12.04 6.02 -12.90
C VAL A 49 13.34 5.31 -13.27
N PHE A 50 14.45 5.79 -12.71
CA PHE A 50 15.77 5.30 -13.04
C PHE A 50 16.55 5.00 -11.78
N SER A 51 17.44 4.01 -11.84
CA SER A 51 18.49 3.91 -10.84
C SER A 51 19.61 4.89 -11.19
N GLY A 52 20.30 5.38 -10.18
CA GLY A 52 21.42 6.27 -10.44
C GLY A 52 22.42 6.37 -9.30
N HIS A 53 23.23 7.42 -9.37
CA HIS A 53 24.22 7.68 -8.34
C HIS A 53 24.33 9.17 -8.06
N ILE A 54 24.85 9.47 -6.88
CA ILE A 54 25.32 10.81 -6.53
C ILE A 54 26.79 10.89 -6.93
N ILE A 55 27.13 11.86 -7.77
CA ILE A 55 28.44 11.87 -8.39
C ILE A 55 29.54 12.00 -7.36
N ASP A 56 29.44 12.95 -6.44
CA ASP A 56 30.58 13.11 -5.54
C ASP A 56 30.71 11.93 -4.57
N SER A 57 29.57 11.41 -4.07
CA SER A 57 29.56 10.30 -3.11
C SER A 57 29.80 8.94 -3.77
N GLY A 58 29.24 8.72 -4.97
CA GLY A 58 29.01 7.38 -5.48
C GLY A 58 27.80 6.68 -4.88
N LYS A 59 27.03 7.34 -4.04
CA LYS A 59 25.92 6.66 -3.37
C LYS A 59 24.82 6.33 -4.36
N PRO A 60 24.31 5.10 -4.37
CA PRO A 60 23.17 4.80 -5.24
C PRO A 60 21.91 5.52 -4.81
N ILE A 61 21.12 5.92 -5.80
CA ILE A 61 19.89 6.64 -5.60
C ILE A 61 18.92 6.21 -6.67
N VAL A 62 17.66 6.64 -6.53
CA VAL A 62 16.64 6.48 -7.54
C VAL A 62 16.24 7.87 -8.03
N VAL A 63 16.09 8.01 -9.34
CA VAL A 63 15.73 9.28 -9.95
C VAL A 63 14.33 9.12 -10.53
N LYS A 64 13.37 9.88 -10.03
CA LYS A 64 11.99 9.82 -10.51
C LYS A 64 11.74 11.09 -11.32
N VAL A 65 11.61 10.93 -12.62
CA VAL A 65 11.52 12.05 -13.55
C VAL A 65 10.05 12.28 -13.88
N LEU A 66 9.54 13.45 -13.55
CA LEU A 66 8.16 13.83 -13.81
C LEU A 66 8.02 14.80 -14.96
N LYS A 67 7.03 14.53 -15.80
CA LYS A 67 6.53 15.55 -16.72
C LYS A 67 6.18 16.81 -15.92
N PRO A 68 6.66 18.03 -16.35
CA PRO A 68 6.39 19.24 -15.56
C PRO A 68 4.93 19.66 -15.64
N VAL A 69 4.04 18.74 -15.28
CA VAL A 69 2.59 18.91 -15.39
C VAL A 69 2.01 18.78 -14.00
N ARG A 70 1.03 19.63 -13.70
CA ARG A 70 0.35 19.66 -12.41
C ARG A 70 1.34 19.95 -11.27
N ILE A 71 1.84 21.18 -11.29
CA ILE A 71 2.81 21.59 -10.28
C ILE A 71 2.22 21.50 -8.88
N MET A 72 0.92 21.76 -8.72
CA MET A 72 0.30 21.58 -7.41
C MET A 72 0.51 20.16 -6.91
N LYS A 73 0.37 19.18 -7.80
CA LYS A 73 0.48 17.78 -7.39
C LYS A 73 1.91 17.42 -7.01
N ILE A 74 2.89 17.96 -7.74
CA ILE A 74 4.27 17.76 -7.35
C ILE A 74 4.52 18.41 -5.99
N ASN A 75 4.06 19.66 -5.82
CA ASN A 75 4.23 20.32 -4.54
C ASN A 75 3.56 19.54 -3.41
N ARG A 76 2.43 18.87 -3.68
CA ARG A 76 1.77 18.08 -2.64
C ARG A 76 2.62 16.86 -2.27
N GLU A 77 3.12 16.16 -3.30
CA GLU A 77 4.00 15.01 -3.07
C GLU A 77 5.27 15.40 -2.31
N ILE A 78 5.85 16.56 -2.66
CA ILE A 78 7.05 17.04 -1.98
C ILE A 78 6.73 17.35 -0.54
N ALA A 79 5.65 18.11 -0.30
CA ALA A 79 5.17 18.36 1.04
C ALA A 79 5.01 17.07 1.85
N ILE A 80 4.42 16.04 1.24
CA ILE A 80 4.16 14.81 1.97
C ILE A 80 5.49 14.10 2.29
N LEU A 81 6.37 14.01 1.31
CA LEU A 81 7.62 13.32 1.55
C LEU A 81 8.51 14.07 2.54
N ASN A 82 8.43 15.40 2.57
CA ASN A 82 9.20 16.15 3.56
C ASN A 82 8.70 15.86 4.97
N VAL A 83 7.38 15.74 5.14
CA VAL A 83 6.84 15.42 6.45
C VAL A 83 7.36 14.07 6.92
N LEU A 84 7.54 13.13 5.99
CA LEU A 84 7.90 11.77 6.31
C LEU A 84 9.40 11.53 6.31
N ARG A 85 10.20 12.59 6.24
CA ARG A 85 11.65 12.44 6.29
C ARG A 85 12.05 11.75 7.60
N ASN A 86 13.00 10.84 7.51
CA ASN A 86 13.50 10.05 8.63
C ASN A 86 12.47 9.10 9.23
N GLY A 87 11.31 8.95 8.61
CA GLY A 87 10.37 7.92 8.99
C GLY A 87 10.82 6.54 8.55
N PRO A 88 10.50 5.51 9.34
CA PRO A 88 11.04 4.17 9.06
C PRO A 88 10.40 3.53 7.83
N ASN A 89 11.26 3.02 6.93
CA ASN A 89 10.83 2.22 5.79
C ASN A 89 9.95 3.00 4.83
N ILE A 90 10.19 4.30 4.77
CA ILE A 90 9.47 5.21 3.88
C ILE A 90 10.48 5.81 2.92
N SER A 91 10.12 5.91 1.65
CA SER A 91 11.08 6.43 0.68
C SER A 91 11.51 7.84 1.09
N GLN A 92 12.80 8.09 1.06
CA GLN A 92 13.36 9.35 1.54
C GLN A 92 13.74 10.28 0.38
N LEU A 93 13.25 11.51 0.44
CA LEU A 93 13.48 12.50 -0.61
C LEU A 93 14.79 13.22 -0.32
N LEU A 94 15.79 12.96 -1.16
CA LEU A 94 17.12 13.51 -0.93
C LEU A 94 17.31 14.84 -1.64
N ASP A 95 16.59 15.09 -2.73
CA ASP A 95 16.78 16.30 -3.52
C ASP A 95 15.66 16.38 -4.55
N VAL A 96 15.42 17.60 -5.02
CA VAL A 96 14.56 17.86 -6.16
C VAL A 96 15.34 18.75 -7.12
N VAL A 97 15.35 18.40 -8.41
CA VAL A 97 16.11 19.14 -9.41
C VAL A 97 15.22 19.41 -10.61
N LYS A 98 15.51 20.49 -11.31
CA LYS A 98 14.81 20.89 -12.53
C LYS A 98 15.81 20.92 -13.67
N ASP A 99 15.50 20.21 -14.75
CA ASP A 99 16.34 20.21 -15.95
C ASP A 99 16.26 21.58 -16.60
N PRO A 100 17.36 22.32 -16.74
CA PRO A 100 17.24 23.72 -17.19
C PRO A 100 16.87 23.85 -18.65
N ASP A 101 16.99 22.78 -19.44
CA ASP A 101 16.68 22.84 -20.86
C ASP A 101 15.30 22.28 -21.18
N SER A 102 14.91 21.19 -20.54
CA SER A 102 13.59 20.62 -20.77
C SER A 102 12.57 21.04 -19.72
N LYS A 103 13.01 21.58 -18.58
CA LYS A 103 12.16 22.01 -17.48
C LYS A 103 11.52 20.84 -16.72
N TYR A 104 11.83 19.59 -17.07
CA TYR A 104 11.34 18.45 -16.31
C TYR A 104 11.95 18.42 -14.91
N ILE A 105 11.17 17.89 -13.98
CA ILE A 105 11.48 17.86 -12.55
C ILE A 105 11.81 16.42 -12.20
N SER A 106 12.86 16.24 -11.41
CA SER A 106 13.26 14.92 -10.94
C SER A 106 13.26 14.95 -9.42
N LEU A 107 12.61 13.97 -8.82
CA LEU A 107 12.74 13.68 -7.40
C LEU A 107 13.90 12.72 -7.24
N ILE A 108 14.80 12.99 -6.28
CA ILE A 108 15.93 12.12 -6.02
C ILE A 108 15.62 11.39 -4.72
N LEU A 109 15.58 10.05 -4.79
CA LEU A 109 15.11 9.22 -3.69
C LEU A 109 16.19 8.24 -3.31
N ASN A 110 16.08 7.67 -2.10
CA ASN A 110 16.98 6.58 -1.73
C ASN A 110 16.71 5.35 -2.59
N TYR A 111 17.72 4.52 -2.75
CA TYR A 111 17.60 3.32 -3.56
C TYR A 111 17.22 2.14 -2.67
N ALA A 112 16.20 1.39 -3.08
CA ALA A 112 15.84 0.15 -2.41
C ALA A 112 15.67 -0.95 -3.43
N GLU A 113 16.30 -2.10 -3.17
CA GLU A 113 16.18 -3.26 -4.04
C GLU A 113 14.76 -3.82 -3.99
N ASN A 114 14.25 -4.21 -5.15
CA ASN A 114 12.87 -4.66 -5.31
C ASN A 114 12.84 -6.09 -5.82
N ASN A 115 12.88 -7.06 -4.91
CA ASN A 115 12.68 -8.46 -5.25
C ASN A 115 11.18 -8.76 -5.24
N ASP A 116 10.65 -9.16 -6.40
CA ASP A 116 9.21 -9.27 -6.62
C ASP A 116 8.63 -10.46 -5.87
N VAL A 117 7.74 -10.20 -4.92
CA VAL A 117 7.23 -11.29 -4.07
C VAL A 117 6.42 -12.33 -4.85
N LYS A 118 5.95 -11.99 -6.05
CA LYS A 118 5.23 -12.98 -6.86
C LYS A 118 6.13 -14.13 -7.28
N THR A 119 7.43 -13.89 -7.39
CA THR A 119 8.39 -14.91 -7.74
C THR A 119 8.89 -15.69 -6.53
N LEU A 120 8.52 -15.25 -5.32
CA LEU A 120 9.04 -15.85 -4.10
C LEU A 120 8.00 -16.69 -3.37
N PHE A 121 6.95 -17.14 -4.05
CA PHE A 121 5.99 -18.03 -3.41
C PHE A 121 6.67 -19.36 -3.11
N GLY A 122 6.56 -19.79 -1.86
CA GLY A 122 7.27 -20.98 -1.44
C GLY A 122 8.73 -20.77 -1.17
N LYS A 123 9.23 -19.54 -1.34
CA LYS A 123 10.57 -19.16 -0.93
C LYS A 123 10.57 -18.17 0.22
N MET A 124 9.53 -17.36 0.36
CA MET A 124 9.39 -16.50 1.53
C MET A 124 8.87 -17.31 2.72
N THR A 125 9.65 -17.31 3.79
CA THR A 125 9.28 -18.03 4.99
C THR A 125 8.26 -17.24 5.81
N THR A 126 7.77 -17.88 6.88
CA THR A 126 6.99 -17.15 7.87
C THR A 126 7.75 -15.93 8.36
N ARG A 127 9.07 -16.07 8.55
CA ARG A 127 9.88 -14.98 9.06
C ARG A 127 9.93 -13.82 8.09
N ASP A 128 10.14 -14.10 6.80
CA ASP A 128 10.20 -13.03 5.82
C ASP A 128 8.89 -12.26 5.78
N ILE A 129 7.75 -12.98 5.84
CA ILE A 129 6.45 -12.33 5.70
C ILE A 129 6.16 -11.43 6.90
N ALA A 130 6.56 -11.86 8.09
CA ALA A 130 6.38 -11.00 9.27
C ALA A 130 7.25 -9.75 9.19
N LEU A 131 8.48 -9.87 8.69
CA LEU A 131 9.31 -8.69 8.48
C LEU A 131 8.70 -7.77 7.43
N TYR A 132 8.25 -8.35 6.32
CA TYR A 132 7.61 -7.57 5.26
C TYR A 132 6.43 -6.80 5.79
N ILE A 133 5.46 -7.49 6.43
CA ILE A 133 4.26 -6.79 6.85
C ILE A 133 4.58 -5.82 7.99
N TYR A 134 5.37 -6.27 8.97
CA TYR A 134 5.75 -5.37 10.06
C TYR A 134 6.48 -4.14 9.54
N GLY A 135 7.39 -4.32 8.58
CA GLY A 135 8.09 -3.18 8.02
C GLY A 135 7.14 -2.15 7.44
N VAL A 136 6.13 -2.61 6.70
CA VAL A 136 5.17 -1.67 6.12
C VAL A 136 4.31 -1.05 7.22
N LEU A 137 3.94 -1.84 8.23
CA LEU A 137 3.16 -1.28 9.34
C LEU A 137 3.90 -0.14 10.04
N ARG A 138 5.21 -0.29 10.24
CA ARG A 138 6.01 0.80 10.78
C ARG A 138 5.89 2.05 9.93
N ALA A 139 6.01 1.90 8.61
CA ALA A 139 5.84 3.06 7.74
C ALA A 139 4.46 3.68 7.92
N LEU A 140 3.40 2.86 7.91
CA LEU A 140 2.04 3.39 8.03
C LEU A 140 1.81 4.08 9.38
N ALA A 141 2.32 3.50 10.47
CA ALA A 141 2.14 4.14 11.78
C ALA A 141 2.76 5.54 11.79
N PHE A 142 3.98 5.66 11.26
CA PHE A 142 4.62 6.98 11.20
C PHE A 142 3.79 7.92 10.33
N ALA A 143 3.40 7.48 9.14
CA ALA A 143 2.62 8.33 8.26
C ALA A 143 1.31 8.74 8.92
N HIS A 144 0.57 7.76 9.46
CA HIS A 144 -0.70 8.08 10.08
C HIS A 144 -0.52 9.03 11.25
N LYS A 145 0.49 8.78 12.09
CA LYS A 145 0.72 9.66 13.24
C LYS A 145 0.96 11.09 12.80
N ASN A 146 1.50 11.28 11.60
CA ASN A 146 1.78 12.60 11.04
C ASN A 146 0.68 13.08 10.09
N GLY A 147 -0.45 12.37 10.07
CA GLY A 147 -1.65 12.88 9.42
C GLY A 147 -1.73 12.59 7.96
N ILE A 148 -1.06 11.55 7.49
CA ILE A 148 -1.00 11.19 6.08
C ILE A 148 -1.46 9.75 5.90
N MET A 149 -2.32 9.51 4.92
CA MET A 149 -2.69 8.18 4.48
C MET A 149 -2.11 7.96 3.10
N HIS A 150 -1.63 6.74 2.85
CA HIS A 150 -0.92 6.44 1.61
C HIS A 150 -1.88 6.27 0.43
N ARG A 151 -2.93 5.49 0.63
CA ARG A 151 -4.04 5.22 -0.29
C ARG A 151 -3.66 4.42 -1.52
N ASP A 152 -2.46 3.84 -1.57
CA ASP A 152 -2.16 2.91 -2.63
C ASP A 152 -1.21 1.81 -2.17
N VAL A 153 -1.44 1.27 -0.99
CA VAL A 153 -0.63 0.14 -0.53
C VAL A 153 -0.94 -1.10 -1.38
N LYS A 154 0.11 -1.77 -1.82
CA LYS A 154 0.06 -2.97 -2.66
C LYS A 154 1.49 -3.45 -2.85
N PRO A 155 1.69 -4.69 -3.29
CA PRO A 155 3.07 -5.16 -3.46
C PRO A 155 3.89 -4.29 -4.39
N GLY A 156 3.26 -3.67 -5.38
CA GLY A 156 4.00 -2.89 -6.36
C GLY A 156 4.60 -1.63 -5.77
N ASN A 157 4.07 -1.17 -4.64
CA ASN A 157 4.62 -0.01 -3.96
C ASN A 157 5.38 -0.39 -2.72
N ILE A 158 5.76 -1.66 -2.59
CA ILE A 158 6.56 -2.14 -1.47
C ILE A 158 7.84 -2.76 -2.02
N MET A 159 8.96 -2.08 -1.80
CA MET A 159 10.26 -2.60 -2.24
C MET A 159 10.76 -3.59 -1.19
N TRP A 160 10.96 -4.84 -1.60
CA TRP A 160 11.35 -5.90 -0.67
C TRP A 160 12.67 -6.49 -1.12
N ASN A 161 13.60 -6.59 -0.18
CA ASN A 161 14.93 -7.14 -0.43
C ASN A 161 14.96 -8.47 0.30
N GLN A 162 14.87 -9.57 -0.44
CA GLN A 162 14.81 -10.90 0.16
C GLN A 162 16.12 -11.28 0.83
N THR A 163 17.22 -10.70 0.40
CA THR A 163 18.52 -11.02 0.99
C THR A 163 18.74 -10.26 2.29
N THR A 164 18.58 -8.93 2.24
CA THR A 164 18.83 -8.11 3.42
C THR A 164 17.64 -8.01 4.34
N LYS A 165 16.43 -8.26 3.82
CA LYS A 165 15.16 -8.13 4.52
C LYS A 165 14.72 -6.67 4.62
N GLU A 166 15.34 -5.77 3.85
CA GLU A 166 14.97 -4.35 3.86
C GLU A 166 13.62 -4.17 3.19
N VAL A 167 12.85 -3.20 3.71
CA VAL A 167 11.49 -2.95 3.27
C VAL A 167 11.31 -1.46 3.09
N SER A 168 10.68 -1.07 1.99
CA SER A 168 10.44 0.35 1.75
C SER A 168 9.10 0.55 1.08
N LEU A 169 8.32 1.47 1.62
CA LEU A 169 7.03 1.86 1.06
C LEU A 169 7.22 3.11 0.21
N ILE A 170 6.88 3.01 -1.07
CA ILE A 170 7.20 4.05 -2.04
C ILE A 170 5.91 4.57 -2.67
N ASP A 171 6.07 5.50 -3.62
CA ASP A 171 4.97 6.02 -4.45
C ASP A 171 3.89 6.70 -3.61
N TRP A 172 4.26 7.86 -3.06
CA TRP A 172 3.35 8.67 -2.26
C TRP A 172 2.56 9.69 -3.08
N GLY A 173 2.49 9.50 -4.40
CA GLY A 173 1.77 10.44 -5.23
C GLY A 173 0.28 10.47 -4.97
N LEU A 174 -0.29 9.35 -4.53
CA LEU A 174 -1.71 9.30 -4.22
C LEU A 174 -2.00 9.65 -2.77
N ALA A 175 -0.96 9.89 -1.98
CA ALA A 175 -1.11 10.09 -0.55
C ALA A 175 -1.81 11.40 -0.29
N GLU A 176 -2.62 11.43 0.78
CA GLU A 176 -3.36 12.61 1.16
C GLU A 176 -3.26 12.88 2.66
N PHE A 177 -3.27 14.15 2.99
CA PHE A 177 -3.39 14.58 4.38
C PHE A 177 -4.80 14.32 4.88
N TYR A 178 -4.89 13.82 6.12
CA TYR A 178 -6.14 13.30 6.66
C TYR A 178 -6.70 14.24 7.71
N THR A 179 -7.96 14.64 7.52
CA THR A 179 -8.72 15.42 8.48
C THR A 179 -10.02 14.70 8.77
N PRO A 180 -10.31 14.38 10.03
CA PRO A 180 -11.52 13.62 10.34
C PRO A 180 -12.78 14.21 9.73
N ASP A 181 -13.73 13.32 9.42
CA ASP A 181 -15.04 13.67 8.84
C ASP A 181 -14.91 14.60 7.64
N SER A 182 -13.76 14.54 6.98
CA SER A 182 -13.59 15.16 5.68
C SER A 182 -13.91 14.15 4.58
N GLU A 183 -14.29 14.67 3.43
CA GLU A 183 -14.70 13.85 2.30
C GLU A 183 -13.57 13.78 1.29
N TYR A 184 -13.32 12.58 0.79
CA TYR A 184 -12.16 12.30 -0.04
C TYR A 184 -12.59 11.54 -1.28
N GLN A 185 -11.79 11.68 -2.34
CA GLN A 185 -12.05 11.02 -3.61
C GLN A 185 -11.81 9.52 -3.47
N VAL A 186 -12.82 8.72 -3.86
CA VAL A 186 -12.72 7.26 -3.71
C VAL A 186 -12.03 6.59 -4.89
N ARG A 187 -11.67 7.34 -5.93
CA ARG A 187 -10.90 6.76 -7.04
C ARG A 187 -9.39 6.74 -6.73
N VAL A 188 -9.04 6.01 -5.67
CA VAL A 188 -7.67 5.83 -5.22
C VAL A 188 -7.39 4.34 -5.09
N ALA A 189 -6.18 4.00 -4.64
CA ALA A 189 -5.78 2.60 -4.55
C ALA A 189 -5.76 1.98 -5.94
N THR A 190 -5.49 0.69 -6.02
CA THR A 190 -5.41 -0.05 -7.27
C THR A 190 -6.53 -1.08 -7.28
N LYS A 191 -6.98 -1.47 -8.47
CA LYS A 191 -7.98 -2.50 -8.58
C LYS A 191 -7.55 -3.75 -7.83
N TYR A 192 -8.49 -4.32 -7.07
CA TYR A 192 -8.38 -5.52 -6.26
C TYR A 192 -7.75 -5.26 -4.90
N TYR A 193 -7.26 -4.03 -4.66
CA TYR A 193 -6.85 -3.57 -3.34
C TYR A 193 -7.83 -2.56 -2.78
N LYS A 194 -8.82 -2.14 -3.55
CA LYS A 194 -9.79 -1.17 -3.07
C LYS A 194 -10.59 -1.78 -1.93
N GLY A 195 -10.67 -1.08 -0.81
CA GLY A 195 -11.48 -1.53 0.29
C GLY A 195 -12.95 -1.36 0.01
N PRO A 196 -13.80 -2.01 0.78
CA PRO A 196 -15.25 -1.85 0.61
C PRO A 196 -15.68 -0.40 0.70
N GLU A 197 -14.96 0.43 1.48
CA GLU A 197 -15.34 1.83 1.60
C GLU A 197 -15.19 2.57 0.29
N LEU A 198 -14.25 2.13 -0.56
CA LEU A 198 -14.09 2.77 -1.86
C LEU A 198 -15.06 2.20 -2.90
N LEU A 199 -15.30 0.90 -2.85
CA LEU A 199 -16.19 0.29 -3.82
C LEU A 199 -17.61 0.77 -3.60
N LEU A 200 -17.99 1.03 -2.34
CA LEU A 200 -19.33 1.47 -2.00
C LEU A 200 -19.41 2.98 -1.87
N SER A 201 -18.31 3.69 -2.11
CA SER A 201 -18.29 5.15 -2.17
C SER A 201 -18.59 5.82 -0.83
N TYR A 202 -18.07 5.29 0.27
CA TYR A 202 -18.12 6.03 1.53
C TYR A 202 -17.02 7.10 1.48
N LEU A 203 -17.44 8.37 1.37
CA LEU A 203 -16.50 9.44 1.08
C LEU A 203 -15.62 9.82 2.29
N LYS A 204 -16.15 9.70 3.50
CA LYS A 204 -15.39 10.05 4.69
C LYS A 204 -14.59 8.85 5.19
N TYR A 205 -13.88 8.18 4.29
CA TYR A 205 -13.04 7.06 4.70
C TYR A 205 -11.76 7.60 5.35
N THR A 206 -11.01 6.70 5.96
CA THR A 206 -9.98 7.06 6.91
C THR A 206 -8.68 6.38 6.51
N PRO A 207 -7.58 6.70 7.20
CA PRO A 207 -6.34 5.94 6.93
C PRO A 207 -6.46 4.44 7.19
N SER A 208 -7.58 3.95 7.77
CA SER A 208 -7.73 2.50 7.89
C SER A 208 -7.83 1.83 6.51
N LEU A 209 -8.07 2.59 5.46
CA LEU A 209 -7.95 2.04 4.11
C LEU A 209 -6.60 1.39 3.89
N ASP A 210 -5.52 2.01 4.40
CA ASP A 210 -4.18 1.45 4.19
C ASP A 210 -4.03 0.08 4.85
N ILE A 211 -4.74 -0.14 5.96
CA ILE A 211 -4.71 -1.41 6.67
C ILE A 211 -5.45 -2.50 5.88
N TRP A 212 -6.56 -2.15 5.23
CA TRP A 212 -7.21 -3.14 4.38
C TRP A 212 -6.30 -3.55 3.23
N CYS A 213 -5.64 -2.57 2.60
CA CYS A 213 -4.79 -2.86 1.45
C CYS A 213 -3.60 -3.74 1.84
N LEU A 214 -2.99 -3.47 2.99
CA LEU A 214 -1.92 -4.33 3.47
C LEU A 214 -2.44 -5.69 3.83
N GLY A 215 -3.68 -5.77 4.32
CA GLY A 215 -4.29 -7.07 4.57
C GLY A 215 -4.44 -7.88 3.30
N CYS A 216 -4.84 -7.23 2.19
CA CYS A 216 -4.96 -7.94 0.92
C CYS A 216 -3.59 -8.39 0.45
N THR A 217 -2.55 -7.63 0.79
CA THR A 217 -1.20 -8.05 0.45
C THR A 217 -0.82 -9.28 1.25
N LEU A 218 -1.17 -9.28 2.54
CA LEU A 218 -0.86 -10.42 3.38
C LEU A 218 -1.57 -11.68 2.89
N ALA A 219 -2.84 -11.56 2.48
CA ALA A 219 -3.57 -12.71 1.95
C ALA A 219 -2.86 -13.27 0.72
N GLY A 220 -2.43 -12.39 -0.18
CA GLY A 220 -1.76 -12.85 -1.38
C GLY A 220 -0.49 -13.62 -1.08
N LEU A 221 0.29 -13.16 -0.09
CA LEU A 221 1.51 -13.86 0.26
C LEU A 221 1.22 -15.18 0.94
N LEU A 222 0.21 -15.23 1.82
CA LEU A 222 -0.09 -16.47 2.52
C LEU A 222 -0.65 -17.51 1.57
N PHE A 223 -1.50 -17.09 0.64
CA PHE A 223 -2.23 -18.02 -0.22
C PHE A 223 -1.64 -18.09 -1.64
N HIS A 224 -0.47 -17.49 -1.87
CA HIS A 224 0.24 -17.65 -3.13
C HIS A 224 -0.59 -17.17 -4.32
N LYS A 225 -1.14 -15.96 -4.20
CA LYS A 225 -2.01 -15.42 -5.24
C LYS A 225 -2.07 -13.90 -5.10
N LEU A 226 -1.38 -13.19 -6.00
CA LEU A 226 -1.36 -11.73 -5.99
C LEU A 226 -1.77 -11.21 -7.36
N PRO A 227 -2.85 -10.45 -7.48
CA PRO A 227 -3.77 -10.03 -6.40
C PRO A 227 -4.70 -11.15 -5.94
N PHE A 228 -5.03 -11.11 -4.67
CA PHE A 228 -5.78 -12.21 -4.08
C PHE A 228 -7.26 -12.11 -4.45
N PHE A 229 -7.88 -10.97 -4.19
CA PHE A 229 -9.27 -10.78 -4.58
C PHE A 229 -9.38 -10.55 -6.08
N LYS A 230 -10.56 -10.80 -6.63
CA LYS A 230 -10.76 -10.60 -8.06
C LYS A 230 -12.19 -10.12 -8.30
N GLY A 231 -12.57 -10.05 -9.57
CA GLY A 231 -13.89 -9.62 -9.99
C GLY A 231 -13.79 -8.61 -11.12
N ARG A 232 -14.68 -8.72 -12.13
CA ARG A 232 -14.54 -7.85 -13.29
C ARG A 232 -14.97 -6.41 -12.99
N ASP A 233 -16.00 -6.23 -12.17
CA ASP A 233 -16.53 -4.90 -11.85
C ASP A 233 -16.69 -4.82 -10.34
N SER A 234 -17.15 -3.67 -9.84
CA SER A 234 -17.15 -3.51 -8.39
C SER A 234 -18.21 -4.36 -7.72
N ASN A 235 -19.35 -4.60 -8.38
CA ASN A 235 -20.34 -5.53 -7.82
C ASN A 235 -19.75 -6.92 -7.65
N GLU A 236 -19.07 -7.43 -8.69
CA GLU A 236 -18.43 -8.73 -8.55
C GLU A 236 -17.29 -8.70 -7.55
N GLN A 237 -16.57 -7.59 -7.44
CA GLN A 237 -15.52 -7.50 -6.42
C GLN A 237 -16.09 -7.59 -5.02
N ILE A 238 -17.22 -6.91 -4.76
CA ILE A 238 -17.87 -7.02 -3.45
C ILE A 238 -18.31 -8.44 -3.20
N GLU A 239 -18.90 -9.08 -4.20
CA GLU A 239 -19.32 -10.47 -4.09
C GLU A 239 -18.14 -11.34 -3.69
N ARG A 240 -16.98 -11.15 -4.31
CA ARG A 240 -15.87 -12.05 -4.04
C ARG A 240 -15.27 -11.85 -2.66
N MET A 241 -15.29 -10.62 -2.14
CA MET A 241 -14.89 -10.43 -0.75
C MET A 241 -15.78 -11.23 0.19
N CYS A 242 -17.08 -11.21 -0.06
CA CYS A 242 -18.03 -11.86 0.82
C CYS A 242 -18.03 -13.37 0.66
N VAL A 243 -17.48 -13.89 -0.43
CA VAL A 243 -17.27 -15.32 -0.48
C VAL A 243 -16.45 -15.77 0.72
N TYR A 244 -15.47 -14.96 1.11
CA TYR A 244 -14.68 -15.25 2.29
C TYR A 244 -15.31 -14.69 3.56
N LEU A 245 -15.65 -13.40 3.54
CA LEU A 245 -15.99 -12.66 4.75
C LEU A 245 -17.46 -12.71 5.11
N GLY A 246 -18.30 -13.23 4.24
CA GLY A 246 -19.72 -13.35 4.55
C GLY A 246 -20.55 -12.21 4.01
N GLY A 247 -21.69 -12.54 3.43
CA GLY A 247 -22.57 -11.52 2.87
C GLY A 247 -23.14 -10.63 3.95
N GLN A 248 -23.40 -11.18 5.13
CA GLN A 248 -24.10 -10.42 6.16
C GLN A 248 -23.25 -9.25 6.65
N ALA A 249 -21.94 -9.45 6.79
CA ALA A 249 -21.11 -8.35 7.26
C ALA A 249 -21.16 -7.19 6.26
N MET A 250 -21.22 -7.52 4.96
CA MET A 250 -21.28 -6.48 3.95
C MET A 250 -22.62 -5.76 3.97
N LEU A 251 -23.72 -6.53 4.11
CA LEU A 251 -25.04 -5.92 4.23
C LEU A 251 -25.12 -5.04 5.48
N ASP A 252 -24.58 -5.51 6.59
CA ASP A 252 -24.60 -4.74 7.82
C ASP A 252 -23.75 -3.48 7.69
N TYR A 253 -22.57 -3.61 7.08
CA TYR A 253 -21.75 -2.44 6.79
C TYR A 253 -22.53 -1.42 5.96
N ALA A 254 -23.14 -1.86 4.86
CA ALA A 254 -23.87 -0.94 4.00
C ALA A 254 -25.05 -0.29 4.72
N GLU A 255 -25.70 -1.01 5.63
CA GLU A 255 -26.75 -0.40 6.45
C GLU A 255 -26.15 0.65 7.38
N LYS A 256 -25.08 0.29 8.08
CA LYS A 256 -24.56 1.14 9.15
C LYS A 256 -24.12 2.50 8.63
N TYR A 257 -23.51 2.54 7.46
CA TYR A 257 -22.98 3.79 6.91
C TYR A 257 -23.83 4.36 5.78
N ASP A 258 -25.00 3.77 5.54
CA ASP A 258 -25.97 4.30 4.58
C ASP A 258 -25.44 4.24 3.16
N LEU A 259 -24.85 3.11 2.81
CA LEU A 259 -24.28 2.89 1.49
C LEU A 259 -25.24 2.10 0.62
N LYS A 260 -25.09 2.26 -0.68
CA LYS A 260 -26.06 1.78 -1.66
C LYS A 260 -25.58 0.50 -2.34
N LEU A 261 -26.44 -0.51 -2.32
CA LEU A 261 -26.22 -1.79 -2.97
C LEU A 261 -27.43 -2.06 -3.84
N SER A 262 -27.21 -2.59 -5.04
CA SER A 262 -28.37 -2.86 -5.88
C SER A 262 -29.15 -4.03 -5.29
N SER A 263 -30.43 -4.10 -5.64
CA SER A 263 -31.27 -5.19 -5.16
C SER A 263 -30.67 -6.53 -5.53
N SER A 264 -30.17 -6.66 -6.76
CA SER A 264 -29.60 -7.93 -7.22
C SER A 264 -28.42 -8.32 -6.36
N LEU A 265 -27.50 -7.38 -6.10
CA LEU A 265 -26.33 -7.71 -5.30
C LEU A 265 -26.70 -8.05 -3.87
N LYS A 266 -27.67 -7.35 -3.28
CA LYS A 266 -28.10 -7.72 -1.93
CA LYS A 266 -28.12 -7.71 -1.94
C LYS A 266 -28.63 -9.15 -1.92
N ALA A 267 -29.39 -9.53 -2.94
CA ALA A 267 -29.90 -10.90 -3.03
C ALA A 267 -28.75 -11.89 -3.14
N ARG A 268 -27.76 -11.59 -3.98
CA ARG A 268 -26.60 -12.46 -4.06
C ARG A 268 -25.85 -12.51 -2.73
N LEU A 269 -25.67 -11.36 -2.08
CA LEU A 269 -24.87 -11.34 -0.85
C LEU A 269 -25.51 -12.20 0.24
N SER A 270 -26.84 -12.33 0.23
CA SER A 270 -27.48 -13.10 1.28
C SER A 270 -27.29 -14.60 1.10
N GLU A 271 -26.75 -15.07 -0.03
CA GLU A 271 -26.47 -16.48 -0.25
C GLU A 271 -25.10 -16.93 0.27
N LEU A 272 -24.26 -16.01 0.75
CA LEU A 272 -22.85 -16.27 1.06
C LEU A 272 -22.62 -16.29 2.56
N LYS A 273 -22.45 -17.50 3.12
CA LYS A 273 -22.16 -17.65 4.53
C LYS A 273 -20.79 -17.07 4.88
N GLY A 274 -19.83 -17.21 3.96
CA GLY A 274 -18.48 -16.73 4.19
C GLY A 274 -17.61 -17.92 4.52
N THR A 275 -16.65 -18.25 3.65
CA THR A 275 -15.83 -19.44 3.92
C THR A 275 -14.58 -19.12 4.76
N MET A 276 -14.32 -17.83 5.04
CA MET A 276 -13.05 -17.34 5.56
C MET A 276 -11.90 -17.99 4.80
N TRP A 277 -10.96 -18.65 5.47
CA TRP A 277 -9.72 -19.10 4.84
C TRP A 277 -9.69 -20.62 4.64
N ALA A 278 -10.84 -21.21 4.42
CA ALA A 278 -10.95 -22.66 4.36
C ALA A 278 -10.74 -23.12 2.92
N GLY A 279 -10.00 -24.21 2.76
CA GLY A 279 -9.68 -24.66 1.43
C GLY A 279 -8.67 -23.79 0.73
N LEU A 280 -7.93 -22.97 1.46
CA LEU A 280 -6.85 -22.19 0.87
C LEU A 280 -5.48 -22.70 1.28
N ILE A 281 -5.41 -23.70 2.15
CA ILE A 281 -4.14 -24.17 2.72
C ILE A 281 -3.87 -25.55 2.15
N ASN A 282 -2.90 -25.63 1.23
CA ASN A 282 -2.42 -26.89 0.67
C ASN A 282 -0.96 -27.08 1.09
N GLU A 283 -0.33 -28.15 0.59
CA GLU A 283 1.01 -28.51 1.05
C GLU A 283 2.01 -27.40 0.80
N SER A 284 1.83 -26.61 -0.27
CA SER A 284 2.81 -25.61 -0.67
C SER A 284 2.82 -24.36 0.19
N ASN A 285 1.71 -24.05 0.86
CA ASN A 285 1.63 -22.87 1.72
C ASN A 285 1.27 -23.23 3.16
N ARG A 286 1.21 -24.51 3.48
CA ARG A 286 0.75 -24.93 4.81
C ARG A 286 1.63 -24.34 5.89
N ASP A 287 2.94 -24.22 5.62
CA ASP A 287 3.89 -23.84 6.65
C ASP A 287 3.86 -22.35 6.97
N ILE A 288 3.47 -21.48 6.02
CA ILE A 288 3.38 -20.05 6.31
C ILE A 288 2.01 -19.64 6.83
N CYS A 289 0.98 -20.49 6.70
CA CYS A 289 -0.37 -20.16 7.14
C CYS A 289 -0.60 -20.51 8.62
N THR A 290 0.27 -19.96 9.46
CA THR A 290 0.21 -20.21 10.89
C THR A 290 -1.08 -19.63 11.48
N PRO A 291 -1.54 -20.17 12.61
CA PRO A 291 -2.74 -19.60 13.27
C PRO A 291 -2.59 -18.12 13.60
N GLN A 292 -1.39 -17.69 13.99
CA GLN A 292 -1.18 -16.28 14.30
C GLN A 292 -1.34 -15.41 13.06
N ALA A 293 -0.89 -15.91 11.91
CA ALA A 293 -1.00 -15.12 10.68
C ALA A 293 -2.44 -14.93 10.25
N LEU A 294 -3.24 -16.00 10.31
CA LEU A 294 -4.66 -15.93 9.94
C LEU A 294 -5.43 -14.99 10.85
N ASP A 295 -5.15 -15.03 12.15
CA ASP A 295 -5.83 -14.15 13.09
C ASP A 295 -5.53 -12.68 12.78
N LEU A 296 -4.28 -12.38 12.40
CA LEU A 296 -3.95 -11.03 11.96
C LEU A 296 -4.68 -10.68 10.66
N LEU A 297 -4.66 -11.60 9.68
CA LEU A 297 -5.37 -11.37 8.41
C LEU A 297 -6.85 -11.11 8.64
N THR A 298 -7.51 -11.93 9.45
CA THR A 298 -8.93 -11.75 9.72
C THR A 298 -9.20 -10.38 10.33
N LYS A 299 -8.35 -9.95 11.27
CA LYS A 299 -8.49 -8.62 11.86
C LYS A 299 -8.27 -7.51 10.83
N MET A 300 -7.23 -7.63 10.01
CA MET A 300 -6.86 -6.58 9.02
C MET A 300 -7.93 -6.49 7.92
N LEU A 301 -8.45 -7.62 7.44
CA LEU A 301 -9.51 -7.63 6.43
C LEU A 301 -10.88 -7.61 7.07
N THR A 302 -11.10 -6.70 7.98
CA THR A 302 -12.41 -6.47 8.56
C THR A 302 -13.13 -5.46 7.68
N ILE A 303 -14.38 -5.78 7.32
CA ILE A 303 -15.09 -4.96 6.35
C ILE A 303 -15.32 -3.55 6.89
N ASP A 304 -15.76 -3.44 8.13
CA ASP A 304 -16.05 -2.15 8.74
C ASP A 304 -14.76 -1.37 8.92
N HIS A 305 -14.58 -0.32 8.12
CA HIS A 305 -13.32 0.42 8.14
C HIS A 305 -13.03 1.01 9.51
N ASN A 306 -14.06 1.22 10.34
CA ASN A 306 -13.84 1.74 11.69
C ASN A 306 -13.55 0.65 12.71
N LEU A 307 -13.56 -0.63 12.33
CA LEU A 307 -13.27 -1.71 13.26
C LEU A 307 -11.95 -2.44 12.95
N ARG A 308 -11.19 -1.96 11.98
CA ARG A 308 -9.89 -2.55 11.70
C ARG A 308 -8.91 -2.07 12.76
N PRO A 309 -7.84 -2.84 12.99
CA PRO A 309 -6.75 -2.34 13.83
C PRO A 309 -6.11 -1.12 13.19
N THR A 310 -5.67 -0.20 14.04
CA THR A 310 -4.71 0.79 13.56
C THR A 310 -3.39 0.10 13.22
N ALA A 311 -2.49 0.85 12.60
CA ALA A 311 -1.14 0.33 12.37
C ALA A 311 -0.48 -0.04 13.69
N GLU A 312 -0.54 0.85 14.68
CA GLU A 312 0.09 0.57 15.98
C GLU A 312 -0.44 -0.71 16.59
N GLN A 313 -1.77 -0.91 16.54
CA GLN A 313 -2.33 -2.13 17.13
C GLN A 313 -1.87 -3.38 16.39
N ALA A 314 -1.83 -3.33 15.07
CA ALA A 314 -1.40 -4.48 14.30
C ALA A 314 0.04 -4.86 14.62
N MET A 315 0.90 -3.86 14.82
CA MET A 315 2.28 -4.15 15.17
C MET A 315 2.44 -4.84 16.51
N LYS A 316 1.45 -4.73 17.39
CA LYS A 316 1.47 -5.43 18.67
C LYS A 316 0.89 -6.83 18.59
N HIS A 317 0.71 -7.39 17.39
CA HIS A 317 0.08 -8.70 17.27
C HIS A 317 1.12 -9.80 17.53
N PRO A 318 0.74 -10.91 18.18
CA PRO A 318 1.74 -11.95 18.47
C PRO A 318 2.43 -12.49 17.23
N PHE A 319 1.81 -12.33 16.04
CA PHE A 319 2.44 -12.80 14.81
C PHE A 319 3.82 -12.18 14.61
N PHE A 320 4.06 -10.99 15.18
CA PHE A 320 5.34 -10.29 15.10
C PHE A 320 6.24 -10.52 16.31
N ASP A 321 5.90 -11.49 17.18
CA ASP A 321 6.67 -11.67 18.42
C ASP A 321 8.10 -12.11 18.14
N GLU A 322 8.29 -13.01 17.17
CA GLU A 322 9.60 -13.62 16.97
C GLU A 322 10.57 -12.74 16.18
N ILE A 323 10.08 -11.69 15.50
CA ILE A 323 10.93 -10.73 14.80
C ILE A 323 11.00 -9.39 15.50
N ARG A 324 10.22 -9.20 16.57
CA ARG A 324 10.19 -7.91 17.24
C ARG A 324 11.56 -7.49 17.73
N ASP A 325 12.39 -8.44 18.15
CA ASP A 325 13.71 -8.10 18.65
C ASP A 325 14.48 -7.22 17.66
N SER A 326 14.36 -7.53 16.37
CA SER A 326 14.98 -6.69 15.34
C SER A 326 14.40 -6.96 13.94
#